data_7EUN
#
_entry.id   7EUN
#
_cell.length_a   46.577
_cell.length_b   47.208
_cell.length_c   59.641
_cell.angle_alpha   83.540
_cell.angle_beta   84.440
_cell.angle_gamma   70.200
#
_symmetry.space_group_name_H-M   'P 1'
#
loop_
_entity.id
_entity.type
_entity.pdbx_description
1 polymer 'N(omega)-hydroxy-L-arginine amidinohydrolase'
2 non-polymer 'MANGANESE (II) ION'
3 non-polymer 'MAGNESIUM ION'
4 non-polymer '2(S)-AMINO-6-BORONOHEXANOIC ACID'
5 water water
#
_entity_poly.entity_id   1
_entity_poly.type   'polypeptide(L)'
_entity_poly.pdbx_seq_one_letter_code
;MIDLIVSQGRVADRAAWMIEGAARTARALEERYGLKGHYVGEPAPHADDDWSVALPQARETLVAVREAATESIKGDNLTV
LVNNTCSVSLATLPVVAREHPDAVVLYIDGHGDFNTPETTDTGYLGGMVLSGACGLWDSGHGAGLRPEQAVLVGSRDIDE
GERELIRKAGVRVIPPGEATAQAVLDAVKDAPVWIHIDWDVLEPGSIPADYTVPDGMLPAQIRAVFEAIPAERLIGVELA
ELNAPADSERAEQAVAVILDMVAPAFDAAAARPLEHHHHHH
;
_entity_poly.pdbx_strand_id   A,B
#
loop_
_chem_comp.id
_chem_comp.type
_chem_comp.name
_chem_comp.formula
ABH non-polymer '2(S)-AMINO-6-BORONOHEXANOIC ACID' 'C6 H15 B N O5 -1'
MG non-polymer 'MAGNESIUM ION' 'Mg 2'
MN non-polymer 'MANGANESE (II) ION' 'Mn 2'
#
# COMPACT_ATOMS: atom_id res chain seq x y z
N MET A 1 13.17 -5.21 -33.76
CA MET A 1 12.08 -4.25 -34.08
C MET A 1 11.43 -3.73 -32.79
N ILE A 2 12.23 -3.55 -31.74
CA ILE A 2 11.80 -2.94 -30.49
C ILE A 2 12.58 -1.65 -30.30
N ASP A 3 11.87 -0.56 -30.00
CA ASP A 3 12.48 0.69 -29.54
C ASP A 3 12.30 0.77 -28.02
N LEU A 4 13.40 0.88 -27.29
CA LEU A 4 13.38 0.95 -25.84
C LEU A 4 13.70 2.37 -25.39
N ILE A 5 12.78 2.99 -24.65
CA ILE A 5 12.94 4.32 -24.10
C ILE A 5 12.80 4.18 -22.58
N VAL A 6 13.69 4.84 -21.83
CA VAL A 6 13.78 4.67 -20.38
C VAL A 6 13.74 6.03 -19.71
N SER A 7 12.74 6.24 -18.85
CA SER A 7 12.71 7.47 -18.05
C SER A 7 13.59 7.32 -16.81
N GLN A 8 14.48 8.29 -16.62
CA GLN A 8 15.31 8.37 -15.42
C GLN A 8 15.18 9.72 -14.73
N GLY A 9 14.29 10.58 -15.18
CA GLY A 9 14.03 11.82 -14.49
C GLY A 9 12.85 11.68 -13.54
N ARG A 10 12.92 12.42 -12.43
CA ARG A 10 11.82 12.39 -11.48
C ARG A 10 10.54 12.92 -12.12
N VAL A 11 9.47 12.16 -11.96
CA VAL A 11 8.12 12.63 -12.30
C VAL A 11 7.24 12.36 -11.10
N ALA A 12 7.34 13.24 -10.10
CA ALA A 12 6.54 13.23 -8.87
C ALA A 12 6.83 12.08 -7.92
N ASP A 13 7.89 11.29 -8.14
CA ASP A 13 8.10 10.07 -7.37
C ASP A 13 8.01 10.32 -5.87
N ARG A 14 7.22 9.50 -5.17
CA ARG A 14 7.18 9.44 -3.71
C ARG A 14 7.85 8.19 -3.16
N ALA A 15 8.27 7.27 -4.01
CA ALA A 15 8.96 6.05 -3.61
C ALA A 15 10.45 6.20 -3.93
N ALA A 16 11.30 5.52 -3.15
CA ALA A 16 12.73 5.77 -3.24
C ALA A 16 13.41 5.10 -4.43
N TRP A 17 12.87 3.98 -4.93
CA TRP A 17 13.65 3.11 -5.81
C TRP A 17 12.99 2.86 -7.17
N MET A 18 12.06 3.72 -7.60
CA MET A 18 11.39 3.50 -8.90
C MET A 18 12.26 3.93 -10.07
N ILE A 19 13.12 4.95 -9.91
CA ILE A 19 14.10 5.24 -10.95
C ILE A 19 15.08 4.09 -11.08
N GLU A 20 15.55 3.56 -9.96
CA GLU A 20 16.45 2.41 -10.00
C GLU A 20 15.77 1.18 -10.58
N GLY A 21 14.50 0.94 -10.22
CA GLY A 21 13.81 -0.21 -10.76
C GLY A 21 13.63 -0.14 -12.26
N ALA A 22 13.38 1.07 -12.77
CA ALA A 22 13.27 1.25 -14.22
C ALA A 22 14.62 0.94 -14.89
N ALA A 23 15.72 1.45 -14.29
CA ALA A 23 17.03 1.18 -14.86
C ALA A 23 17.32 -0.31 -14.89
N ARG A 24 16.99 -1.03 -13.82
CA ARG A 24 17.29 -2.45 -13.79
C ARG A 24 16.42 -3.25 -14.77
N THR A 25 15.15 -2.87 -14.90
CA THR A 25 14.26 -3.50 -15.90
C THR A 25 14.83 -3.27 -17.31
N ALA A 26 15.24 -2.05 -17.60
CA ALA A 26 15.79 -1.74 -18.91
C ALA A 26 17.04 -2.58 -19.19
N ARG A 27 17.93 -2.71 -18.19
CA ARG A 27 19.13 -3.53 -18.36
CA ARG A 27 19.13 -3.52 -18.36
C ARG A 27 18.77 -4.97 -18.72
N ALA A 28 17.79 -5.53 -18.03
CA ALA A 28 17.39 -6.91 -18.32
C ALA A 28 16.90 -7.05 -19.76
N LEU A 29 16.13 -6.06 -20.24
CA LEU A 29 15.62 -6.13 -21.61
C LEU A 29 16.74 -5.93 -22.61
N GLU A 30 17.69 -5.02 -22.32
CA GLU A 30 18.84 -4.84 -23.20
C GLU A 30 19.61 -6.14 -23.36
N GLU A 31 19.86 -6.83 -22.25
CA GLU A 31 20.63 -8.07 -22.29
C GLU A 31 19.88 -9.17 -23.03
N ARG A 32 18.57 -9.28 -22.79
CA ARG A 32 17.82 -10.38 -23.40
C ARG A 32 17.62 -10.18 -24.89
N TYR A 33 17.34 -8.95 -25.31
CA TYR A 33 16.93 -8.69 -26.69
C TYR A 33 18.04 -8.04 -27.52
N GLY A 34 19.21 -7.76 -26.94
CA GLY A 34 20.26 -7.12 -27.71
C GLY A 34 19.94 -5.68 -28.07
N LEU A 35 19.33 -4.95 -27.16
CA LEU A 35 18.90 -3.58 -27.39
C LEU A 35 19.81 -2.61 -26.64
N LYS A 36 19.75 -1.35 -27.05
CA LYS A 36 20.34 -0.27 -26.29
C LYS A 36 19.26 0.77 -26.04
N GLY A 37 18.96 1.02 -24.77
CA GLY A 37 17.91 1.95 -24.44
C GLY A 37 18.29 3.38 -24.71
N HIS A 38 17.27 4.20 -24.96
CA HIS A 38 17.39 5.65 -25.00
C HIS A 38 16.93 6.17 -23.64
N TYR A 39 17.89 6.66 -22.84
CA TYR A 39 17.65 7.08 -21.46
C TYR A 39 17.41 8.58 -21.44
N VAL A 40 16.30 8.99 -20.81
CA VAL A 40 15.84 10.37 -20.83
C VAL A 40 15.64 10.85 -19.39
N GLY A 41 16.19 12.02 -19.08
CA GLY A 41 15.94 12.65 -17.80
C GLY A 41 17.04 12.38 -16.79
N GLU A 42 17.13 13.28 -15.80
CA GLU A 42 18.16 13.21 -14.77
C GLU A 42 17.54 12.86 -13.43
N PRO A 43 18.06 11.87 -12.70
CA PRO A 43 17.44 11.50 -11.42
C PRO A 43 17.44 12.65 -10.42
N ALA A 44 16.43 12.64 -9.56
CA ALA A 44 16.37 13.53 -8.40
C ALA A 44 15.68 12.78 -7.28
N PRO A 45 15.87 13.19 -6.03
CA PRO A 45 15.31 12.43 -4.91
C PRO A 45 13.80 12.50 -4.83
N HIS A 46 13.21 11.46 -4.25
CA HIS A 46 11.77 11.41 -4.02
C HIS A 46 11.38 12.44 -2.97
N ALA A 47 10.11 12.85 -3.00
CA ALA A 47 9.58 13.87 -2.11
C ALA A 47 8.06 13.75 -2.10
N ASP A 48 7.45 14.23 -1.02
CA ASP A 48 5.99 14.23 -0.90
C ASP A 48 5.38 15.59 -1.24
N ASP A 49 5.69 16.10 -2.41
CA ASP A 49 5.25 17.41 -2.85
C ASP A 49 3.90 17.32 -3.57
N ASP A 50 3.17 18.43 -3.54
CA ASP A 50 1.89 18.50 -4.21
C ASP A 50 2.09 18.39 -5.72
N TRP A 51 1.07 17.84 -6.40
CA TRP A 51 1.12 17.71 -7.85
C TRP A 51 1.40 19.06 -8.52
N SER A 52 0.92 20.15 -7.93
CA SER A 52 1.09 21.46 -8.56
C SER A 52 2.54 21.95 -8.52
N VAL A 53 3.37 21.34 -7.68
CA VAL A 53 4.80 21.60 -7.64
C VAL A 53 5.57 20.55 -8.42
N ALA A 54 5.21 19.28 -8.25
CA ALA A 54 5.91 18.19 -8.91
C ALA A 54 5.74 18.26 -10.42
N LEU A 55 4.57 18.65 -10.89
CA LEU A 55 4.31 18.64 -12.32
C LEU A 55 5.19 19.62 -13.06
N PRO A 56 5.29 20.89 -12.67
CA PRO A 56 6.26 21.77 -13.35
C PRO A 56 7.72 21.32 -13.22
N GLN A 57 8.12 20.74 -12.10
CA GLN A 57 9.50 20.26 -11.97
CA GLN A 57 9.49 20.24 -11.97
C GLN A 57 9.80 19.17 -13.00
N ALA A 58 8.80 18.40 -13.40
CA ALA A 58 8.98 17.28 -14.31
C ALA A 58 8.90 17.68 -15.79
N ARG A 59 8.69 18.95 -16.10
CA ARG A 59 8.36 19.33 -17.49
C ARG A 59 9.45 18.90 -18.47
N GLU A 60 10.71 19.16 -18.16
CA GLU A 60 11.79 18.80 -19.08
C GLU A 60 11.80 17.31 -19.39
N THR A 61 11.69 16.48 -18.35
CA THR A 61 11.66 15.04 -18.58
C THR A 61 10.44 14.64 -19.41
N LEU A 62 9.28 15.20 -19.09
CA LEU A 62 8.05 14.83 -19.80
C LEU A 62 8.12 15.24 -21.27
N VAL A 63 8.66 16.43 -21.57
CA VAL A 63 8.78 16.85 -22.96
C VAL A 63 9.74 15.93 -23.72
N ALA A 64 10.85 15.55 -23.08
CA ALA A 64 11.81 14.66 -23.75
C ALA A 64 11.21 13.28 -23.98
N VAL A 65 10.44 12.75 -23.04
CA VAL A 65 9.79 11.47 -23.27
C VAL A 65 8.77 11.59 -24.40
N ARG A 66 7.99 12.69 -24.40
CA ARG A 66 7.02 12.90 -25.47
C ARG A 66 7.70 12.84 -26.83
N GLU A 67 8.83 13.52 -26.97
CA GLU A 67 9.50 13.57 -28.27
C GLU A 67 10.01 12.19 -28.66
N ALA A 68 10.59 11.44 -27.73
CA ALA A 68 11.08 10.11 -28.06
C ALA A 68 9.94 9.17 -28.42
N ALA A 69 8.86 9.19 -27.62
CA ALA A 69 7.72 8.32 -27.90
C ALA A 69 7.08 8.66 -29.24
N THR A 70 6.98 9.94 -29.58
CA THR A 70 6.36 10.33 -30.84
C THR A 70 7.13 9.74 -32.02
N GLU A 71 8.45 9.89 -32.00
CA GLU A 71 9.27 9.35 -33.08
C GLU A 71 9.08 7.85 -33.20
N SER A 72 9.04 7.15 -32.07
CA SER A 72 8.89 5.69 -32.11
C SER A 72 7.51 5.29 -32.62
N ILE A 73 6.45 5.95 -32.17
CA ILE A 73 5.11 5.61 -32.62
C ILE A 73 4.95 5.88 -34.12
N LYS A 74 5.63 6.90 -34.64
CA LYS A 74 5.53 7.19 -36.08
C LYS A 74 6.32 6.20 -36.93
N GLY A 75 7.27 5.47 -36.34
CA GLY A 75 8.07 4.50 -37.06
C GLY A 75 7.40 3.15 -37.16
N ASP A 76 8.22 2.11 -37.35
CA ASP A 76 7.69 0.78 -37.63
C ASP A 76 7.96 -0.25 -36.53
N ASN A 77 8.48 0.15 -35.38
CA ASN A 77 8.84 -0.79 -34.34
C ASN A 77 7.80 -0.79 -33.22
N LEU A 78 7.95 -1.76 -32.30
CA LEU A 78 7.20 -1.76 -31.06
C LEU A 78 7.81 -0.75 -30.10
N THR A 79 6.99 0.16 -29.58
CA THR A 79 7.46 1.19 -28.65
C THR A 79 7.36 0.64 -27.23
N VAL A 80 8.51 0.52 -26.56
CA VAL A 80 8.57 0.02 -25.20
C VAL A 80 9.14 1.12 -24.31
N LEU A 81 8.33 1.59 -23.38
CA LEU A 81 8.77 2.59 -22.40
C LEU A 81 8.91 1.92 -21.04
N VAL A 82 10.09 2.06 -20.45
CA VAL A 82 10.32 1.60 -19.08
C VAL A 82 10.36 2.87 -18.24
N ASN A 83 9.31 3.11 -17.47
CA ASN A 83 9.07 4.37 -16.80
C ASN A 83 9.19 4.22 -15.28
N ASN A 84 9.78 5.24 -14.63
CA ASN A 84 9.84 5.20 -13.17
C ASN A 84 8.44 5.20 -12.57
N THR A 85 7.57 6.12 -13.01
CA THR A 85 6.24 6.27 -12.44
C THR A 85 5.18 6.26 -13.54
N CYS A 86 3.95 5.98 -13.15
CA CYS A 86 2.83 6.09 -14.08
C CYS A 86 2.70 7.51 -14.64
N SER A 87 3.13 8.53 -13.90
CA SER A 87 2.95 9.91 -14.33
C SER A 87 3.71 10.25 -15.59
N VAL A 88 4.73 9.47 -15.95
CA VAL A 88 5.36 9.66 -17.26
C VAL A 88 4.34 9.60 -18.38
N SER A 89 3.28 8.83 -18.19
CA SER A 89 2.26 8.60 -19.21
C SER A 89 1.38 9.83 -19.45
N LEU A 90 1.46 10.85 -18.60
CA LEU A 90 0.86 12.14 -18.95
C LEU A 90 1.43 12.66 -20.26
N ALA A 91 2.67 12.29 -20.58
CA ALA A 91 3.31 12.74 -21.82
C ALA A 91 2.99 11.81 -22.98
N THR A 92 2.89 10.51 -22.72
CA THR A 92 2.80 9.54 -23.80
C THR A 92 1.36 9.27 -24.26
N LEU A 93 0.40 9.20 -23.33
CA LEU A 93 -0.94 8.80 -23.73
C LEU A 93 -1.58 9.81 -24.69
N PRO A 94 -1.38 11.13 -24.55
CA PRO A 94 -1.92 12.04 -25.59
C PRO A 94 -1.36 11.77 -26.98
N VAL A 95 -0.08 11.38 -27.07
CA VAL A 95 0.51 11.04 -28.35
C VAL A 95 -0.17 9.80 -28.94
N VAL A 96 -0.34 8.76 -28.12
CA VAL A 96 -1.01 7.55 -28.58
C VAL A 96 -2.39 7.88 -29.15
N ALA A 97 -3.15 8.70 -28.44
CA ALA A 97 -4.53 9.00 -28.84
C ALA A 97 -4.56 9.83 -30.12
N ARG A 98 -3.59 10.73 -30.31
CA ARG A 98 -3.56 11.53 -31.52
C ARG A 98 -3.16 10.71 -32.72
N GLU A 99 -2.15 9.86 -32.57
CA GLU A 99 -1.66 9.09 -33.70
C GLU A 99 -2.55 7.89 -34.01
N HIS A 100 -3.22 7.34 -33.00
CA HIS A 100 -4.07 6.17 -33.14
C HIS A 100 -5.39 6.47 -32.45
N PRO A 101 -6.27 7.25 -33.10
CA PRO A 101 -7.55 7.61 -32.47
C PRO A 101 -8.42 6.41 -32.15
N ASP A 102 -8.19 5.28 -32.80
CA ASP A 102 -8.94 4.05 -32.54
C ASP A 102 -8.28 3.13 -31.52
N ALA A 103 -7.12 3.50 -30.98
CA ALA A 103 -6.47 2.62 -30.01
C ALA A 103 -7.31 2.46 -28.74
N VAL A 104 -7.24 1.27 -28.17
CA VAL A 104 -7.70 1.02 -26.80
C VAL A 104 -6.48 0.99 -25.90
N VAL A 105 -6.56 1.72 -24.79
CA VAL A 105 -5.51 1.75 -23.77
C VAL A 105 -5.92 0.79 -22.65
N LEU A 106 -5.15 -0.25 -22.44
CA LEU A 106 -5.30 -1.14 -21.29
C LEU A 106 -4.42 -0.58 -20.18
N TYR A 107 -5.05 -0.02 -19.16
CA TYR A 107 -4.36 0.64 -18.04
C TYR A 107 -4.42 -0.35 -16.89
N ILE A 108 -3.35 -1.13 -16.74
CA ILE A 108 -3.32 -2.28 -15.85
C ILE A 108 -2.68 -1.79 -14.54
N ASP A 109 -3.46 -1.73 -13.46
CA ASP A 109 -3.05 -1.02 -12.24
C ASP A 109 -3.95 -1.48 -11.11
N GLY A 110 -3.39 -1.65 -9.91
CA GLY A 110 -4.25 -1.90 -8.76
C GLY A 110 -5.15 -0.74 -8.38
N HIS A 111 -4.83 0.45 -8.86
CA HIS A 111 -5.56 1.68 -8.63
C HIS A 111 -6.27 2.13 -9.92
N GLY A 112 -7.13 3.14 -9.78
CA GLY A 112 -7.75 3.76 -10.92
C GLY A 112 -6.97 4.90 -11.55
N ASP A 113 -6.06 5.53 -10.77
CA ASP A 113 -5.29 6.68 -11.22
C ASP A 113 -6.18 7.69 -11.92
N PHE A 114 -7.35 7.97 -11.32
CA PHE A 114 -8.39 8.75 -11.99
C PHE A 114 -8.84 9.94 -11.14
N ASN A 115 -7.99 10.39 -10.23
CA ASN A 115 -8.29 11.56 -9.42
C ASN A 115 -8.04 12.86 -10.18
N THR A 116 -8.70 13.91 -9.73
CA THR A 116 -8.50 15.25 -10.27
C THR A 116 -7.99 16.15 -9.14
N PRO A 117 -7.58 17.38 -9.45
CA PRO A 117 -7.17 18.30 -8.39
C PRO A 117 -8.21 18.48 -7.30
N GLU A 118 -9.50 18.44 -7.67
CA GLU A 118 -10.54 18.60 -6.67
C GLU A 118 -10.74 17.37 -5.80
N THR A 119 -10.46 16.16 -6.33
CA THR A 119 -10.81 14.95 -5.61
C THR A 119 -9.64 14.25 -4.94
N THR A 120 -8.40 14.58 -5.28
CA THR A 120 -7.27 13.91 -4.65
C THR A 120 -7.24 14.18 -3.14
N ASP A 121 -6.99 13.12 -2.38
CA ASP A 121 -6.78 13.25 -0.95
C ASP A 121 -5.31 13.46 -0.60
N THR A 122 -4.40 13.00 -1.44
CA THR A 122 -2.98 13.02 -1.11
C THR A 122 -2.17 14.01 -1.93
N GLY A 123 -2.75 14.61 -2.97
CA GLY A 123 -2.02 15.51 -3.82
C GLY A 123 -1.07 14.84 -4.81
N TYR A 124 -1.09 13.51 -4.90
CA TYR A 124 -0.09 12.78 -5.67
C TYR A 124 -0.43 12.75 -7.16
N LEU A 125 0.49 13.24 -7.99
CA LEU A 125 0.29 13.25 -9.43
C LEU A 125 0.07 11.85 -9.99
N GLY A 126 0.70 10.85 -9.41
CA GLY A 126 0.58 9.49 -9.89
C GLY A 126 -0.81 8.92 -9.74
N GLY A 127 -1.64 9.51 -8.90
CA GLY A 127 -3.03 9.13 -8.80
C GLY A 127 -3.96 9.87 -9.74
N MET A 128 -3.43 10.67 -10.66
CA MET A 128 -4.17 11.58 -11.52
C MET A 128 -3.85 11.37 -13.00
N VAL A 129 -3.21 10.26 -13.33
CA VAL A 129 -2.63 10.10 -14.67
C VAL A 129 -3.70 9.84 -15.72
N LEU A 130 -4.55 8.84 -15.50
CA LEU A 130 -5.51 8.47 -16.54
C LEU A 130 -6.56 9.55 -16.74
N SER A 131 -6.99 10.18 -15.65
CA SER A 131 -7.91 11.30 -15.74
C SER A 131 -7.29 12.48 -16.48
N GLY A 132 -5.99 12.71 -16.31
CA GLY A 132 -5.35 13.79 -17.03
C GLY A 132 -5.27 13.53 -18.52
N ALA A 133 -4.87 12.32 -18.89
CA ALA A 133 -4.81 11.95 -20.29
C ALA A 133 -6.18 12.01 -20.97
N CYS A 134 -7.25 11.74 -20.22
CA CYS A 134 -8.61 11.80 -20.71
C CYS A 134 -9.23 13.19 -20.59
N GLY A 135 -8.49 14.17 -20.09
CA GLY A 135 -8.94 15.55 -20.12
C GLY A 135 -9.87 15.99 -19.02
N LEU A 136 -9.99 15.24 -17.93
CA LEU A 136 -10.80 15.70 -16.81
C LEU A 136 -10.12 16.85 -16.08
N TRP A 137 -8.81 16.98 -16.21
CA TRP A 137 -8.03 18.10 -15.68
C TRP A 137 -6.88 18.29 -16.66
N ASP A 138 -6.26 19.46 -16.63
CA ASP A 138 -5.26 19.87 -17.62
C ASP A 138 -3.86 19.71 -17.04
N SER A 139 -3.14 18.70 -17.53
CA SER A 139 -1.77 18.46 -17.08
C SER A 139 -0.74 19.38 -17.72
N GLY A 140 -1.11 20.13 -18.75
CA GLY A 140 -0.15 20.88 -19.54
C GLY A 140 0.58 20.07 -20.59
N HIS A 141 0.25 18.78 -20.74
CA HIS A 141 0.88 17.91 -21.73
C HIS A 141 -0.15 17.32 -22.67
N GLY A 142 -1.31 17.94 -22.76
CA GLY A 142 -2.35 17.50 -23.67
C GLY A 142 -3.25 16.44 -23.06
N ALA A 143 -4.25 16.06 -23.84
CA ALA A 143 -5.24 15.08 -23.44
C ALA A 143 -5.66 14.34 -24.71
N GLY A 144 -6.96 14.21 -24.95
CA GLY A 144 -7.45 13.65 -26.19
C GLY A 144 -7.73 12.16 -26.16
N LEU A 145 -7.34 11.44 -25.11
CA LEU A 145 -7.71 10.03 -25.00
C LEU A 145 -9.19 9.97 -24.63
N ARG A 146 -9.99 9.28 -25.43
CA ARG A 146 -11.39 9.13 -25.06
C ARG A 146 -11.49 8.19 -23.85
N PRO A 147 -12.22 8.57 -22.79
CA PRO A 147 -12.43 7.60 -21.69
C PRO A 147 -13.06 6.30 -22.18
N GLU A 148 -13.87 6.37 -23.24
CA GLU A 148 -14.53 5.21 -23.84
C GLU A 148 -13.53 4.24 -24.44
N GLN A 149 -12.30 4.68 -24.68
CA GLN A 149 -11.21 3.87 -25.23
C GLN A 149 -10.24 3.39 -24.16
N ALA A 150 -10.50 3.67 -22.89
CA ALA A 150 -9.62 3.30 -21.80
C ALA A 150 -10.28 2.21 -20.95
N VAL A 151 -9.50 1.18 -20.61
CA VAL A 151 -9.99 0.06 -19.82
C VAL A 151 -9.02 -0.14 -18.65
N LEU A 152 -9.52 0.05 -17.44
CA LEU A 152 -8.75 -0.27 -16.25
C LEU A 152 -8.80 -1.76 -16.01
N VAL A 153 -7.66 -2.40 -15.87
CA VAL A 153 -7.55 -3.83 -15.72
C VAL A 153 -6.81 -4.13 -14.41
N GLY A 154 -7.45 -4.87 -13.51
CA GLY A 154 -6.88 -5.27 -12.25
C GLY A 154 -7.14 -4.33 -11.10
N SER A 155 -7.84 -3.24 -11.33
CA SER A 155 -8.09 -2.26 -10.30
C SER A 155 -9.11 -2.79 -9.30
N ARG A 156 -8.94 -2.41 -8.03
CA ARG A 156 -9.82 -2.90 -6.98
C ARG A 156 -9.76 -1.92 -5.82
N ASP A 157 -10.75 -2.02 -4.93
CA ASP A 157 -10.78 -1.20 -3.72
C ASP A 157 -10.58 0.27 -4.08
N ILE A 158 -11.37 0.76 -5.04
CA ILE A 158 -11.34 2.14 -5.49
C ILE A 158 -12.27 2.96 -4.60
N ASP A 159 -11.80 4.14 -4.18
CA ASP A 159 -12.62 5.07 -3.43
C ASP A 159 -13.94 5.33 -4.15
N GLU A 160 -15.01 5.49 -3.35
CA GLU A 160 -16.37 5.61 -3.90
C GLU A 160 -16.46 6.77 -4.87
N GLY A 161 -15.94 7.93 -4.50
CA GLY A 161 -16.05 9.09 -5.36
C GLY A 161 -15.27 8.94 -6.66
N GLU A 162 -14.04 8.41 -6.56
CA GLU A 162 -13.23 8.17 -7.75
C GLU A 162 -13.90 7.16 -8.66
N ARG A 163 -14.49 6.12 -8.07
CA ARG A 163 -15.18 5.11 -8.87
C ARG A 163 -16.34 5.71 -9.66
N GLU A 164 -17.02 6.71 -9.09
CA GLU A 164 -18.09 7.39 -9.82
C GLU A 164 -17.56 8.33 -10.91
N LEU A 165 -16.40 8.97 -10.71
CA LEU A 165 -15.80 9.72 -11.81
C LEU A 165 -15.49 8.79 -12.99
N ILE A 166 -14.94 7.61 -12.68
CA ILE A 166 -14.62 6.60 -13.67
C ILE A 166 -15.89 6.18 -14.42
N ARG A 167 -16.94 5.86 -13.66
CA ARG A 167 -18.20 5.43 -14.24
C ARG A 167 -18.79 6.51 -15.13
N LYS A 168 -18.86 7.74 -14.62
CA LYS A 168 -19.49 8.83 -15.38
C LYS A 168 -18.72 9.15 -16.65
N ALA A 169 -17.40 9.01 -16.63
CA ALA A 169 -16.60 9.27 -17.80
C ALA A 169 -16.74 8.17 -18.85
N GLY A 170 -17.14 6.97 -18.45
CA GLY A 170 -17.22 5.86 -19.37
C GLY A 170 -16.02 4.95 -19.43
N VAL A 171 -15.13 5.00 -18.43
CA VAL A 171 -14.00 4.09 -18.37
C VAL A 171 -14.47 2.74 -17.82
N ARG A 172 -14.19 1.67 -18.55
CA ARG A 172 -14.54 0.32 -18.13
C ARG A 172 -13.51 -0.17 -17.10
N VAL A 173 -13.96 -1.01 -16.16
CA VAL A 173 -13.09 -1.61 -15.15
C VAL A 173 -13.26 -3.12 -15.18
N ILE A 174 -12.16 -3.84 -15.33
CA ILE A 174 -12.13 -5.30 -15.28
C ILE A 174 -11.34 -5.73 -14.06
N PRO A 175 -11.96 -6.11 -12.95
CA PRO A 175 -11.19 -6.43 -11.72
C PRO A 175 -10.40 -7.72 -11.88
N PRO A 176 -9.46 -8.01 -10.96
CA PRO A 176 -8.56 -9.17 -11.15
C PRO A 176 -9.25 -10.50 -11.46
N GLY A 177 -10.31 -10.81 -10.73
CA GLY A 177 -11.00 -12.07 -10.91
C GLY A 177 -11.80 -12.19 -12.21
N GLU A 178 -11.99 -11.09 -12.92
CA GLU A 178 -12.59 -11.11 -14.24
C GLU A 178 -11.57 -10.95 -15.34
N ALA A 179 -10.30 -10.67 -15.00
CA ALA A 179 -9.29 -10.25 -15.98
C ALA A 179 -8.59 -11.44 -16.64
N THR A 180 -9.39 -12.31 -17.24
CA THR A 180 -8.85 -13.35 -18.10
C THR A 180 -8.41 -12.73 -19.42
N ALA A 181 -7.61 -13.50 -20.18
CA ALA A 181 -7.18 -13.01 -21.48
C ALA A 181 -8.36 -12.73 -22.38
N GLN A 182 -9.37 -13.61 -22.38
CA GLN A 182 -10.51 -13.40 -23.27
C GLN A 182 -11.34 -12.19 -22.85
N ALA A 183 -11.48 -11.94 -21.54
CA ALA A 183 -12.22 -10.76 -21.13
C ALA A 183 -11.54 -9.50 -21.65
N VAL A 184 -10.21 -9.50 -21.64
CA VAL A 184 -9.49 -8.34 -22.16
C VAL A 184 -9.65 -8.23 -23.67
N LEU A 185 -9.53 -9.34 -24.40
CA LEU A 185 -9.75 -9.33 -25.83
C LEU A 185 -11.15 -8.84 -26.16
N ASP A 186 -12.15 -9.25 -25.39
CA ASP A 186 -13.51 -8.81 -25.67
C ASP A 186 -13.62 -7.29 -25.54
N ALA A 187 -12.87 -6.70 -24.60
CA ALA A 187 -12.95 -5.25 -24.41
C ALA A 187 -12.26 -4.49 -25.54
N VAL A 188 -11.20 -5.05 -26.10
CA VAL A 188 -10.42 -4.37 -27.15
C VAL A 188 -11.11 -4.44 -28.52
N LYS A 189 -11.92 -5.48 -28.78
CA LYS A 189 -12.60 -5.69 -30.08
C LYS A 189 -11.55 -5.63 -31.19
N ASP A 190 -11.74 -4.86 -32.26
CA ASP A 190 -10.80 -4.89 -33.38
C ASP A 190 -9.69 -3.84 -33.29
N ALA A 191 -9.55 -3.20 -32.16
CA ALA A 191 -8.71 -2.00 -32.07
C ALA A 191 -7.22 -2.34 -31.96
N PRO A 192 -6.35 -1.43 -32.41
CA PRO A 192 -4.96 -1.48 -31.95
C PRO A 192 -4.90 -1.17 -30.47
N VAL A 193 -3.83 -1.63 -29.82
CA VAL A 193 -3.76 -1.67 -28.35
C VAL A 193 -2.47 -1.03 -27.84
N TRP A 194 -2.61 -0.24 -26.77
CA TRP A 194 -1.49 0.27 -25.99
C TRP A 194 -1.63 -0.27 -24.58
N ILE A 195 -0.58 -0.93 -24.06
CA ILE A 195 -0.61 -1.52 -22.73
C ILE A 195 0.23 -0.68 -21.77
N HIS A 196 -0.36 -0.23 -20.68
CA HIS A 196 0.31 0.48 -19.59
C HIS A 196 0.19 -0.37 -18.33
N ILE A 197 1.32 -0.73 -17.70
CA ILE A 197 1.29 -1.54 -16.48
C ILE A 197 1.98 -0.83 -15.32
N ASP A 198 1.28 -0.75 -14.19
CA ASP A 198 1.81 -0.39 -12.87
C ASP A 198 1.91 -1.70 -12.08
N TRP A 199 3.13 -2.07 -11.68
CA TRP A 199 3.31 -3.36 -11.04
C TRP A 199 2.56 -3.53 -9.72
N ASP A 200 2.04 -2.46 -9.11
CA ASP A 200 1.21 -2.67 -7.92
C ASP A 200 -0.09 -3.41 -8.23
N VAL A 201 -0.37 -3.71 -9.50
CA VAL A 201 -1.52 -4.55 -9.81
C VAL A 201 -1.31 -5.97 -9.29
N LEU A 202 -0.06 -6.41 -9.13
CA LEU A 202 0.22 -7.81 -8.84
C LEU A 202 -0.08 -8.21 -7.41
N GLU A 203 -0.62 -9.42 -7.26
CA GLU A 203 -0.78 -10.01 -5.93
C GLU A 203 0.56 -10.05 -5.22
N PRO A 204 0.66 -9.57 -3.97
CA PRO A 204 1.93 -9.68 -3.24
C PRO A 204 2.31 -11.13 -3.00
N GLY A 205 3.62 -11.37 -2.95
CA GLY A 205 4.16 -12.69 -2.69
C GLY A 205 4.78 -13.31 -3.93
N SER A 206 5.70 -14.26 -3.70
N SER A 206 5.64 -14.32 -3.66
CA SER A 206 6.51 -14.79 -4.79
CA SER A 206 6.14 -15.24 -4.68
C SER A 206 5.97 -16.09 -5.37
C SER A 206 6.03 -16.70 -4.24
N ILE A 207 5.43 -16.96 -4.53
N ILE A 207 5.51 -16.97 -3.05
CA ILE A 207 4.81 -18.21 -4.98
CA ILE A 207 5.41 -18.32 -2.50
C ILE A 207 3.30 -18.06 -4.85
C ILE A 207 4.14 -18.98 -3.00
N PRO A 208 2.52 -18.37 -5.90
N PRO A 208 4.03 -20.31 -2.96
CA PRO A 208 1.06 -18.21 -5.80
CA PRO A 208 2.77 -20.95 -3.39
C PRO A 208 0.36 -19.27 -4.96
C PRO A 208 1.59 -20.51 -2.54
N ALA A 209 0.11 -18.94 -3.70
N ALA A 209 0.49 -20.13 -3.20
CA ALA A 209 -0.73 -19.68 -2.77
CA ALA A 209 -0.76 -19.74 -2.53
C ALA A 209 -1.83 -20.45 -3.47
C ALA A 209 -1.92 -20.45 -3.25
N ASP A 210 -1.81 -21.78 -3.37
CA ASP A 210 -2.82 -22.59 -4.03
C ASP A 210 -4.18 -22.77 -3.35
N TYR A 211 -4.38 -22.38 -2.09
CA TYR A 211 -5.63 -22.64 -1.39
C TYR A 211 -6.38 -21.38 -1.01
N THR A 212 -5.95 -20.24 -1.49
CA THR A 212 -6.66 -18.98 -1.27
C THR A 212 -6.82 -18.28 -2.60
N VAL A 213 -7.80 -17.39 -2.66
CA VAL A 213 -8.11 -16.63 -3.86
C VAL A 213 -7.35 -15.31 -3.79
N PRO A 214 -6.57 -14.95 -4.80
CA PRO A 214 -5.78 -13.72 -4.72
C PRO A 214 -6.64 -12.47 -4.87
N ASP A 215 -6.19 -11.39 -4.25
CA ASP A 215 -6.80 -10.08 -4.39
C ASP A 215 -6.27 -9.30 -5.58
N GLY A 216 -4.99 -9.50 -5.93
CA GLY A 216 -4.41 -8.87 -7.09
C GLY A 216 -4.34 -9.83 -8.26
N MET A 217 -3.78 -9.33 -9.36
CA MET A 217 -3.57 -10.17 -10.52
C MET A 217 -2.32 -11.03 -10.35
N LEU A 218 -2.36 -12.21 -10.91
CA LEU A 218 -1.18 -13.07 -10.88
C LEU A 218 -0.29 -12.81 -12.09
N PRO A 219 1.03 -13.01 -11.97
CA PRO A 219 1.89 -12.92 -13.16
C PRO A 219 1.36 -13.71 -14.35
N ALA A 220 0.84 -14.91 -14.11
CA ALA A 220 0.30 -15.70 -15.21
C ALA A 220 -0.83 -14.99 -15.94
N GLN A 221 -1.61 -14.19 -15.24
CA GLN A 221 -2.70 -13.47 -15.88
C GLN A 221 -2.18 -12.37 -16.78
N ILE A 222 -1.12 -11.69 -16.36
CA ILE A 222 -0.51 -10.67 -17.19
C ILE A 222 0.11 -11.31 -18.42
N ARG A 223 0.86 -12.39 -18.23
CA ARG A 223 1.44 -13.10 -19.36
C ARG A 223 0.37 -13.50 -20.36
N ALA A 224 -0.77 -13.97 -19.87
CA ALA A 224 -1.83 -14.42 -20.76
C ALA A 224 -2.37 -13.26 -21.60
N VAL A 225 -2.40 -12.05 -21.04
CA VAL A 225 -2.80 -10.89 -21.84
C VAL A 225 -1.80 -10.63 -22.95
N PHE A 226 -0.50 -10.62 -22.62
CA PHE A 226 0.51 -10.42 -23.65
C PHE A 226 0.46 -11.52 -24.72
N GLU A 227 0.16 -12.76 -24.35
CA GLU A 227 0.03 -13.83 -25.34
CA GLU A 227 0.03 -13.83 -25.34
C GLU A 227 -1.17 -13.63 -26.26
N ALA A 228 -2.25 -13.02 -25.76
CA ALA A 228 -3.49 -12.92 -26.50
C ALA A 228 -3.58 -11.72 -27.45
N ILE A 229 -2.90 -10.62 -27.17
CA ILE A 229 -2.99 -9.45 -28.06
C ILE A 229 -2.19 -9.75 -29.33
N PRO A 230 -2.77 -9.71 -30.53
CA PRO A 230 -1.98 -10.00 -31.73
C PRO A 230 -0.83 -9.01 -31.91
N ALA A 231 0.32 -9.52 -32.35
CA ALA A 231 1.49 -8.65 -32.53
C ALA A 231 1.18 -7.52 -33.50
N GLU A 232 0.37 -7.79 -34.51
CA GLU A 232 0.07 -6.79 -35.54
C GLU A 232 -0.77 -5.65 -34.98
N ARG A 233 -1.40 -5.85 -33.83
CA ARG A 233 -2.26 -4.84 -33.22
CA ARG A 233 -2.26 -4.83 -33.23
C ARG A 233 -1.59 -4.08 -32.08
N LEU A 234 -0.44 -4.51 -31.59
CA LEU A 234 0.18 -3.91 -30.41
C LEU A 234 1.01 -2.68 -30.81
N ILE A 235 0.58 -1.50 -30.36
CA ILE A 235 1.30 -0.26 -30.62
C ILE A 235 2.52 -0.13 -29.71
N GLY A 236 2.33 -0.42 -28.43
CA GLY A 236 3.40 -0.18 -27.47
C GLY A 236 3.01 -0.66 -26.09
N VAL A 237 4.02 -0.65 -25.23
CA VAL A 237 3.95 -1.16 -23.88
C VAL A 237 4.73 -0.23 -22.96
N GLU A 238 4.13 0.13 -21.82
CA GLU A 238 4.81 0.90 -20.78
C GLU A 238 4.85 0.04 -19.52
N LEU A 239 6.05 -0.07 -18.94
CA LEU A 239 6.28 -0.83 -17.71
C LEU A 239 6.68 0.17 -16.63
N ALA A 240 5.86 0.31 -15.59
CA ALA A 240 6.07 1.35 -14.59
C ALA A 240 5.99 0.85 -13.17
N GLU A 241 6.75 1.52 -12.29
CA GLU A 241 6.57 1.44 -10.83
C GLU A 241 7.10 0.12 -10.26
N LEU A 242 8.29 -0.29 -10.69
CA LEU A 242 9.06 -1.29 -9.95
C LEU A 242 9.89 -0.56 -8.89
N ASN A 243 9.57 -0.76 -7.62
CA ASN A 243 10.30 -0.13 -6.52
C ASN A 243 11.28 -1.17 -5.98
N ALA A 244 12.50 -1.16 -6.48
CA ALA A 244 13.50 -2.13 -6.00
C ALA A 244 14.86 -1.50 -6.13
N PRO A 245 15.71 -1.56 -5.10
CA PRO A 245 16.99 -0.86 -5.16
C PRO A 245 17.89 -1.40 -6.25
N ALA A 246 18.71 -0.48 -6.77
CA ALA A 246 19.81 -0.84 -7.65
C ALA A 246 20.72 -1.84 -6.96
N ASP A 247 21.02 -2.92 -7.68
CA ASP A 247 22.00 -3.93 -7.30
C ASP A 247 21.51 -4.78 -6.15
N SER A 248 20.21 -4.80 -5.93
CA SER A 248 19.68 -5.72 -4.98
C SER A 248 19.30 -7.04 -5.61
N GLU A 249 19.37 -8.09 -4.78
CA GLU A 249 18.83 -9.38 -5.15
C GLU A 249 17.36 -9.25 -5.47
N ARG A 250 16.65 -8.40 -4.72
CA ARG A 250 15.22 -8.23 -4.95
C ARG A 250 14.95 -7.76 -6.37
N ALA A 251 15.70 -6.76 -6.84
CA ALA A 251 15.51 -6.27 -8.19
C ALA A 251 15.82 -7.35 -9.22
N GLU A 252 16.85 -8.16 -8.96
CA GLU A 252 17.20 -9.23 -9.89
C GLU A 252 16.05 -10.22 -10.02
N GLN A 253 15.44 -10.60 -8.90
CA GLN A 253 14.31 -11.52 -8.93
C GLN A 253 13.10 -10.89 -9.59
N ALA A 254 12.85 -9.61 -9.32
CA ALA A 254 11.67 -8.95 -9.87
C ALA A 254 11.76 -8.84 -11.38
N VAL A 255 12.93 -8.49 -11.91
CA VAL A 255 13.03 -8.34 -13.36
C VAL A 255 12.91 -9.68 -14.06
N ALA A 256 13.33 -10.78 -13.43
CA ALA A 256 13.12 -12.08 -14.06
C ALA A 256 11.63 -12.38 -14.22
N VAL A 257 10.81 -12.03 -13.23
CA VAL A 257 9.37 -12.22 -13.34
C VAL A 257 8.79 -11.32 -14.43
N ILE A 258 9.28 -10.08 -14.51
CA ILE A 258 8.81 -9.16 -15.55
C ILE A 258 9.12 -9.72 -16.93
N LEU A 259 10.34 -10.21 -17.14
CA LEU A 259 10.69 -10.72 -18.46
C LEU A 259 9.79 -11.89 -18.86
N ASP A 260 9.44 -12.75 -17.90
CA ASP A 260 8.54 -13.86 -18.20
C ASP A 260 7.15 -13.37 -18.63
N MET A 261 6.64 -12.31 -17.99
CA MET A 261 5.32 -11.80 -18.33
C MET A 261 5.29 -11.19 -19.71
N VAL A 262 6.32 -10.41 -20.07
CA VAL A 262 6.30 -9.66 -21.33
C VAL A 262 6.80 -10.47 -22.52
N ALA A 263 7.47 -11.59 -22.28
CA ALA A 263 8.13 -12.32 -23.37
C ALA A 263 7.22 -12.61 -24.55
N PRO A 264 5.95 -13.02 -24.37
CA PRO A 264 5.15 -13.36 -25.58
C PRO A 264 5.12 -12.23 -26.58
N ALA A 265 4.93 -11.00 -26.10
CA ALA A 265 4.84 -9.84 -26.99
C ALA A 265 6.21 -9.37 -27.47
N PHE A 266 7.21 -9.32 -26.58
CA PHE A 266 8.51 -8.80 -27.00
C PHE A 266 9.23 -9.78 -27.93
N ASP A 267 9.11 -11.07 -27.68
CA ASP A 267 9.67 -12.08 -28.58
C ASP A 267 9.09 -11.94 -29.98
N ALA A 268 7.78 -11.72 -30.06
CA ALA A 268 7.14 -11.58 -31.38
C ALA A 268 7.63 -10.33 -32.10
N ALA A 269 7.78 -9.23 -31.38
CA ALA A 269 8.22 -8.00 -32.02
C ALA A 269 9.67 -8.11 -32.47
N ALA A 270 10.51 -8.79 -31.68
CA ALA A 270 11.91 -8.94 -32.06
C ALA A 270 12.07 -9.87 -33.25
N ALA A 271 11.15 -10.81 -33.44
CA ALA A 271 11.31 -11.87 -34.42
C ALA A 271 10.00 -12.62 -34.61
N MET B 1 8.70 -6.80 0.58
CA MET B 1 7.93 -7.96 1.09
C MET B 1 6.97 -7.48 2.17
N ILE B 2 6.16 -6.46 1.86
CA ILE B 2 5.15 -5.94 2.76
C ILE B 2 3.77 -6.41 2.29
N ASP B 3 2.98 -6.96 3.21
CA ASP B 3 1.57 -7.28 2.99
C ASP B 3 0.74 -6.22 3.70
N LEU B 4 0.12 -5.32 2.97
CA LEU B 4 -0.65 -4.22 3.54
C LEU B 4 -2.14 -4.57 3.58
N ILE B 5 -2.71 -4.62 4.79
CA ILE B 5 -4.12 -4.95 5.03
C ILE B 5 -4.71 -3.79 5.79
N VAL B 6 -5.88 -3.31 5.39
CA VAL B 6 -6.44 -2.06 5.88
C VAL B 6 -7.87 -2.32 6.35
N SER B 7 -8.19 -2.04 7.62
CA SER B 7 -9.57 -2.14 8.07
C SER B 7 -10.34 -0.88 7.73
N GLN B 8 -11.53 -1.07 7.12
CA GLN B 8 -12.46 0.01 6.82
C GLN B 8 -13.85 -0.26 7.39
N GLY B 9 -14.01 -1.28 8.21
CA GLY B 9 -15.26 -1.53 8.90
C GLY B 9 -15.24 -0.95 10.31
N ARG B 10 -16.39 -0.47 10.76
CA ARG B 10 -16.48 0.03 12.12
C ARG B 10 -16.19 -1.08 13.13
N VAL B 11 -15.29 -0.80 14.07
CA VAL B 11 -15.11 -1.66 15.22
C VAL B 11 -15.14 -0.75 16.45
N ALA B 12 -16.36 -0.41 16.89
CA ALA B 12 -16.66 0.39 18.07
C ALA B 12 -16.27 1.86 17.96
N ASP B 13 -15.91 2.35 16.78
CA ASP B 13 -15.42 3.72 16.66
C ASP B 13 -16.40 4.70 17.29
N ARG B 14 -15.85 5.58 18.16
CA ARG B 14 -16.57 6.72 18.71
C ARG B 14 -16.13 8.04 18.09
N ALA B 15 -14.94 8.08 17.53
CA ALA B 15 -14.42 9.25 16.84
C ALA B 15 -14.80 9.17 15.36
N ALA B 16 -14.90 10.33 14.72
CA ALA B 16 -15.52 10.41 13.41
C ALA B 16 -14.61 10.01 12.26
N TRP B 17 -13.29 10.15 12.42
CA TRP B 17 -12.37 10.09 11.29
C TRP B 17 -11.33 9.00 11.40
N MET B 18 -11.64 7.91 12.12
CA MET B 18 -10.66 6.84 12.29
CA MET B 18 -10.66 6.84 12.29
C MET B 18 -10.61 5.93 11.07
N ILE B 19 -11.75 5.71 10.40
CA ILE B 19 -11.76 4.96 9.14
C ILE B 19 -11.05 5.76 8.04
N GLU B 20 -11.35 7.06 7.95
CA GLU B 20 -10.64 7.91 7.01
C GLU B 20 -9.14 7.98 7.33
N GLY B 21 -8.78 8.04 8.62
CA GLY B 21 -7.38 8.10 8.96
C GLY B 21 -6.63 6.85 8.56
N ALA B 22 -7.26 5.69 8.72
CA ALA B 22 -6.65 4.44 8.27
C ALA B 22 -6.47 4.45 6.76
N ALA B 23 -7.50 4.87 6.01
CA ALA B 23 -7.37 4.93 4.56
C ALA B 23 -6.25 5.87 4.13
N ARG B 24 -6.13 7.02 4.79
CA ARG B 24 -5.10 7.98 4.40
C ARG B 24 -3.70 7.50 4.75
N THR B 25 -3.56 6.80 5.88
CA THR B 25 -2.28 6.20 6.23
C THR B 25 -1.91 5.12 5.22
N ALA B 26 -2.88 4.26 4.86
CA ALA B 26 -2.62 3.23 3.87
C ALA B 26 -2.19 3.82 2.54
N ARG B 27 -2.85 4.90 2.11
CA ARG B 27 -2.49 5.47 0.82
C ARG B 27 -1.08 6.05 0.86
N ALA B 28 -0.69 6.64 2.01
CA ALA B 28 0.67 7.12 2.16
C ALA B 28 1.68 5.99 2.01
N LEU B 29 1.40 4.84 2.61
CA LEU B 29 2.28 3.69 2.48
C LEU B 29 2.30 3.16 1.05
N GLU B 30 1.14 3.13 0.38
CA GLU B 30 1.07 2.72 -1.03
C GLU B 30 1.98 3.59 -1.88
N GLU B 31 1.94 4.90 -1.66
CA GLU B 31 2.74 5.82 -2.45
C GLU B 31 4.22 5.73 -2.11
N ARG B 32 4.56 5.54 -0.83
CA ARG B 32 5.97 5.47 -0.44
C ARG B 32 6.62 4.18 -0.90
N TYR B 33 5.87 3.08 -0.95
CA TYR B 33 6.47 1.77 -1.17
C TYR B 33 6.02 1.08 -2.46
N GLY B 34 5.17 1.71 -3.27
CA GLY B 34 4.68 1.10 -4.49
C GLY B 34 3.77 -0.09 -4.25
N LEU B 35 2.86 0.04 -3.28
CA LEU B 35 1.96 -1.03 -2.88
C LEU B 35 0.52 -0.74 -3.30
N LYS B 36 -0.31 -1.79 -3.23
CA LYS B 36 -1.77 -1.66 -3.24
C LYS B 36 -2.29 -2.47 -2.07
N GLY B 37 -2.95 -1.80 -1.11
CA GLY B 37 -3.45 -2.50 0.05
C GLY B 37 -4.67 -3.35 -0.28
N HIS B 38 -4.95 -4.28 0.63
CA HIS B 38 -6.20 -5.05 0.65
C HIS B 38 -7.08 -4.49 1.74
N TYR B 39 -8.24 -3.96 1.34
CA TYR B 39 -9.16 -3.23 2.21
C TYR B 39 -10.30 -4.15 2.64
N VAL B 40 -10.55 -4.26 3.94
CA VAL B 40 -11.47 -5.22 4.53
C VAL B 40 -12.51 -4.44 5.33
N GLY B 41 -13.78 -4.78 5.17
CA GLY B 41 -14.82 -4.19 5.98
C GLY B 41 -15.52 -3.04 5.29
N GLU B 42 -16.76 -2.79 5.72
CA GLU B 42 -17.56 -1.72 5.16
C GLU B 42 -17.73 -0.61 6.18
N PRO B 43 -17.51 0.65 5.81
CA PRO B 43 -17.67 1.73 6.79
C PRO B 43 -19.10 1.87 7.29
N ALA B 44 -19.20 2.33 8.53
CA ALA B 44 -20.49 2.68 9.13
C ALA B 44 -20.25 3.84 10.08
N PRO B 45 -21.28 4.61 10.40
CA PRO B 45 -21.07 5.82 11.22
C PRO B 45 -20.65 5.50 12.64
N HIS B 46 -19.86 6.41 13.20
CA HIS B 46 -19.42 6.28 14.57
C HIS B 46 -20.60 6.50 15.53
N ALA B 47 -20.44 5.99 16.74
CA ALA B 47 -21.50 6.06 17.73
C ALA B 47 -20.92 5.87 19.11
N ASP B 48 -21.64 6.39 20.10
CA ASP B 48 -21.25 6.31 21.50
C ASP B 48 -22.03 5.19 22.18
N ASP B 49 -21.67 3.95 21.84
CA ASP B 49 -22.39 2.77 22.28
C ASP B 49 -21.54 1.89 23.20
N ASP B 50 -22.23 1.05 23.98
CA ASP B 50 -21.55 0.14 24.89
C ASP B 50 -20.86 -0.98 24.11
N TRP B 51 -19.76 -1.49 24.69
CA TRP B 51 -19.04 -2.60 24.06
C TRP B 51 -19.97 -3.77 23.75
N SER B 52 -21.00 -4.00 24.59
CA SER B 52 -21.88 -5.14 24.40
C SER B 52 -22.75 -5.00 23.15
N VAL B 53 -22.91 -3.79 22.65
CA VAL B 53 -23.61 -3.50 21.41
C VAL B 53 -22.64 -3.40 20.23
N ALA B 54 -21.52 -2.70 20.44
CA ALA B 54 -20.57 -2.47 19.34
C ALA B 54 -19.87 -3.77 18.92
N LEU B 55 -19.57 -4.65 19.89
CA LEU B 55 -18.79 -5.84 19.57
C LEU B 55 -19.56 -6.78 18.64
N PRO B 56 -20.81 -7.16 18.91
CA PRO B 56 -21.51 -8.00 17.93
C PRO B 56 -21.70 -7.34 16.58
N GLN B 57 -21.87 -6.01 16.54
CA GLN B 57 -22.01 -5.32 15.27
C GLN B 57 -20.74 -5.46 14.42
N ALA B 58 -19.58 -5.57 15.05
CA ALA B 58 -18.29 -5.65 14.38
C ALA B 58 -17.91 -7.07 13.95
N ARG B 59 -18.78 -8.07 14.16
CA ARG B 59 -18.38 -9.46 13.93
C ARG B 59 -17.85 -9.69 12.52
N GLU B 60 -18.62 -9.25 11.51
CA GLU B 60 -18.22 -9.54 10.13
C GLU B 60 -16.87 -8.92 9.80
N THR B 61 -16.64 -7.67 10.20
CA THR B 61 -15.34 -7.05 9.97
C THR B 61 -14.23 -7.80 10.69
N LEU B 62 -14.45 -8.16 11.96
CA LEU B 62 -13.42 -8.84 12.72
C LEU B 62 -13.08 -10.21 12.14
N VAL B 63 -14.10 -10.95 11.69
CA VAL B 63 -13.83 -12.24 11.06
C VAL B 63 -13.04 -12.06 9.78
N ALA B 64 -13.41 -11.07 8.97
CA ALA B 64 -12.68 -10.84 7.73
C ALA B 64 -11.24 -10.41 7.99
N VAL B 65 -11.01 -9.56 9.01
CA VAL B 65 -9.63 -9.19 9.34
C VAL B 65 -8.85 -10.40 9.81
N ARG B 66 -9.46 -11.25 10.64
CA ARG B 66 -8.77 -12.45 11.08
C ARG B 66 -8.29 -13.30 9.92
N GLU B 67 -9.14 -13.49 8.92
CA GLU B 67 -8.76 -14.35 7.80
C GLU B 67 -7.63 -13.74 6.99
N ALA B 68 -7.72 -12.44 6.70
CA ALA B 68 -6.64 -11.79 5.95
C ALA B 68 -5.33 -11.83 6.75
N ALA B 69 -5.40 -11.52 8.05
CA ALA B 69 -4.19 -11.55 8.87
C ALA B 69 -3.60 -12.94 8.93
N THR B 70 -4.45 -13.98 9.01
CA THR B 70 -3.95 -15.35 9.12
C THR B 70 -3.16 -15.73 7.88
N GLU B 71 -3.68 -15.42 6.69
CA GLU B 71 -2.96 -15.76 5.48
C GLU B 71 -1.61 -15.05 5.43
N SER B 72 -1.57 -13.78 5.86
CA SER B 72 -0.31 -13.03 5.81
C SER B 72 0.70 -13.58 6.80
N ILE B 73 0.25 -13.89 8.03
CA ILE B 73 1.16 -14.38 9.05
C ILE B 73 1.72 -15.75 8.69
N LYS B 74 0.96 -16.57 7.99
CA LYS B 74 1.44 -17.89 7.58
C LYS B 74 2.32 -17.81 6.34
N GLY B 75 2.33 -16.70 5.62
CA GLY B 75 3.23 -16.48 4.51
C GLY B 75 4.56 -15.91 4.96
N ASP B 76 5.28 -15.34 4.00
CA ASP B 76 6.66 -14.90 4.23
C ASP B 76 6.86 -13.40 4.28
N ASN B 77 5.81 -12.60 4.11
CA ASN B 77 5.97 -11.14 4.06
C ASN B 77 5.84 -10.53 5.46
N LEU B 78 6.29 -9.27 5.60
CA LEU B 78 6.01 -8.48 6.79
C LEU B 78 4.53 -8.08 6.77
N THR B 79 3.79 -8.51 7.79
CA THR B 79 2.37 -8.20 7.87
C THR B 79 2.20 -6.79 8.42
N VAL B 80 1.56 -5.91 7.67
CA VAL B 80 1.31 -4.53 8.08
C VAL B 80 -0.18 -4.29 8.05
N LEU B 81 -0.77 -4.13 9.23
CA LEU B 81 -2.20 -3.85 9.39
C LEU B 81 -2.38 -2.38 9.71
N VAL B 82 -3.16 -1.67 8.91
CA VAL B 82 -3.53 -0.28 9.16
C VAL B 82 -4.98 -0.32 9.61
N ASN B 83 -5.20 -0.11 10.90
CA ASN B 83 -6.49 -0.31 11.55
C ASN B 83 -7.12 0.99 11.98
N ASN B 84 -8.44 1.09 11.79
CA ASN B 84 -9.12 2.28 12.28
C ASN B 84 -9.05 2.40 13.79
N THR B 85 -9.26 1.30 14.52
CA THR B 85 -9.26 1.33 15.98
C THR B 85 -8.41 0.19 16.53
N CYS B 86 -7.95 0.36 17.78
CA CYS B 86 -7.24 -0.72 18.45
C CYS B 86 -8.10 -1.99 18.54
N SER B 87 -9.43 -1.85 18.55
CA SER B 87 -10.31 -3.01 18.74
C SER B 87 -10.22 -4.00 17.59
N VAL B 88 -9.75 -3.57 16.42
CA VAL B 88 -9.48 -4.54 15.34
C VAL B 88 -8.56 -5.65 15.83
N SER B 89 -7.67 -5.35 16.78
CA SER B 89 -6.67 -6.32 17.26
C SER B 89 -7.27 -7.41 18.13
N LEU B 90 -8.55 -7.30 18.53
CA LEU B 90 -9.23 -8.46 19.10
C LEU B 90 -9.21 -9.63 18.13
N ALA B 91 -9.17 -9.35 16.82
CA ALA B 91 -9.14 -10.41 15.83
C ALA B 91 -7.71 -10.86 15.50
N THR B 92 -6.74 -9.95 15.56
CA THR B 92 -5.39 -10.27 15.09
C THR B 92 -4.48 -10.85 16.17
N LEU B 93 -4.52 -10.31 17.39
CA LEU B 93 -3.60 -10.79 18.42
C LEU B 93 -3.78 -12.28 18.73
N PRO B 94 -4.98 -12.86 18.74
CA PRO B 94 -5.06 -14.31 18.94
C PRO B 94 -4.37 -15.10 17.85
N VAL B 95 -4.40 -14.60 16.61
CA VAL B 95 -3.70 -15.28 15.52
C VAL B 95 -2.19 -15.23 15.75
N VAL B 96 -1.67 -14.05 16.12
CA VAL B 96 -0.24 -13.91 16.41
C VAL B 96 0.19 -14.91 17.48
N ALA B 97 -0.59 -15.01 18.57
CA ALA B 97 -0.20 -15.86 19.67
C ALA B 97 -0.27 -17.34 19.30
N ARG B 98 -1.21 -17.71 18.42
CA ARG B 98 -1.31 -19.10 17.99
C ARG B 98 -0.16 -19.49 17.08
N GLU B 99 0.16 -18.65 16.09
CA GLU B 99 1.20 -18.99 15.11
C GLU B 99 2.61 -18.75 15.63
N HIS B 100 2.76 -17.84 16.60
CA HIS B 100 4.05 -17.45 17.16
C HIS B 100 3.93 -17.46 18.68
N PRO B 101 3.90 -18.65 19.29
CA PRO B 101 3.65 -18.73 20.74
C PRO B 101 4.77 -18.14 21.58
N ASP B 102 5.95 -17.91 21.01
CA ASP B 102 7.05 -17.27 21.70
C ASP B 102 7.11 -15.76 21.47
N ALA B 103 6.23 -15.20 20.66
CA ALA B 103 6.33 -13.79 20.34
C ALA B 103 6.00 -12.91 21.54
N VAL B 104 6.71 -11.79 21.62
CA VAL B 104 6.38 -10.72 22.56
C VAL B 104 5.62 -9.64 21.79
N VAL B 105 4.51 -9.20 22.35
CA VAL B 105 3.70 -8.13 21.78
C VAL B 105 4.07 -6.83 22.48
N LEU B 106 4.59 -5.88 21.72
CA LEU B 106 4.82 -4.51 22.19
C LEU B 106 3.53 -3.75 21.90
N TYR B 107 2.79 -3.43 22.95
CA TYR B 107 1.50 -2.76 22.87
C TYR B 107 1.77 -1.30 23.25
N ILE B 108 1.97 -0.47 22.24
CA ILE B 108 2.51 0.88 22.38
C ILE B 108 1.31 1.84 22.36
N ASP B 109 1.00 2.43 23.51
CA ASP B 109 -0.28 3.09 23.72
C ASP B 109 -0.15 4.01 24.92
N GLY B 110 -0.84 5.17 24.87
CA GLY B 110 -0.93 6.02 26.04
C GLY B 110 -1.77 5.45 27.17
N HIS B 111 -2.57 4.44 26.86
CA HIS B 111 -3.48 3.77 27.78
C HIS B 111 -3.02 2.33 27.99
N GLY B 112 -3.73 1.61 28.85
CA GLY B 112 -3.44 0.20 29.05
C GLY B 112 -4.27 -0.76 28.23
N ASP B 113 -5.43 -0.30 27.72
CA ASP B 113 -6.39 -1.13 26.99
C ASP B 113 -6.61 -2.47 27.69
N PHE B 114 -6.73 -2.45 29.01
CA PHE B 114 -6.73 -3.68 29.80
C PHE B 114 -7.94 -3.76 30.74
N ASN B 115 -9.00 -2.98 30.49
CA ASN B 115 -10.21 -3.15 31.26
C ASN B 115 -10.99 -4.40 30.81
N THR B 116 -11.81 -4.91 31.70
CA THR B 116 -12.76 -5.96 31.40
C THR B 116 -14.17 -5.40 31.50
N PRO B 117 -15.18 -6.19 31.10
CA PRO B 117 -16.57 -5.73 31.30
C PRO B 117 -16.87 -5.33 32.72
N GLU B 118 -16.18 -5.95 33.68
CA GLU B 118 -16.40 -5.63 35.08
C GLU B 118 -15.76 -4.32 35.51
N THR B 119 -14.60 -3.96 34.93
CA THR B 119 -13.90 -2.78 35.40
C THR B 119 -14.14 -1.54 34.55
N THR B 120 -14.59 -1.69 33.30
CA THR B 120 -14.75 -0.50 32.46
C THR B 120 -15.77 0.44 33.06
N ASP B 121 -15.46 1.75 33.03
CA ASP B 121 -16.40 2.79 33.42
C ASP B 121 -16.99 3.54 32.24
N THR B 122 -16.44 3.38 31.05
CA THR B 122 -16.91 4.04 29.84
C THR B 122 -17.67 3.10 28.93
N GLY B 123 -17.53 1.79 29.13
CA GLY B 123 -18.06 0.83 28.21
C GLY B 123 -17.38 0.79 26.87
N TYR B 124 -16.22 1.41 26.73
CA TYR B 124 -15.57 1.52 25.41
C TYR B 124 -14.70 0.30 25.14
N LEU B 125 -15.03 -0.37 24.05
CA LEU B 125 -14.36 -1.59 23.64
C LEU B 125 -12.87 -1.37 23.45
N GLY B 126 -12.47 -0.20 22.93
CA GLY B 126 -11.07 0.06 22.70
C GLY B 126 -10.23 0.01 23.96
N GLY B 127 -10.84 0.25 25.11
CA GLY B 127 -10.17 0.13 26.39
C GLY B 127 -10.08 -1.27 26.95
N MET B 128 -10.48 -2.28 26.17
CA MET B 128 -10.62 -3.67 26.59
C MET B 128 -9.88 -4.64 25.66
N VAL B 129 -9.00 -4.14 24.79
CA VAL B 129 -8.44 -4.94 23.72
C VAL B 129 -7.39 -5.91 24.22
N LEU B 130 -6.39 -5.41 24.95
CA LEU B 130 -5.28 -6.26 25.35
C LEU B 130 -5.72 -7.29 26.38
N SER B 131 -6.63 -6.91 27.28
CA SER B 131 -7.16 -7.86 28.23
C SER B 131 -7.99 -8.95 27.53
N GLY B 132 -8.67 -8.59 26.43
CA GLY B 132 -9.42 -9.60 25.71
C GLY B 132 -8.49 -10.59 25.03
N ALA B 133 -7.43 -10.10 24.40
CA ALA B 133 -6.48 -10.97 23.74
C ALA B 133 -5.77 -11.88 24.73
N CYS B 134 -5.57 -11.39 25.96
CA CYS B 134 -4.94 -12.17 27.02
C CYS B 134 -5.91 -13.06 27.78
N GLY B 135 -7.20 -13.06 27.42
CA GLY B 135 -8.15 -13.99 27.99
C GLY B 135 -8.77 -13.60 29.31
N LEU B 136 -8.61 -12.35 29.76
CA LEU B 136 -9.25 -11.96 31.00
C LEU B 136 -10.76 -11.83 30.85
N TRP B 137 -11.25 -11.62 29.62
CA TRP B 137 -12.66 -11.68 29.27
C TRP B 137 -12.73 -12.27 27.86
N ASP B 138 -13.92 -12.70 27.46
CA ASP B 138 -14.11 -13.45 26.22
C ASP B 138 -14.74 -12.55 25.16
N SER B 139 -13.94 -12.12 24.19
CA SER B 139 -14.42 -11.26 23.11
C SER B 139 -15.18 -12.03 22.04
N GLY B 140 -15.15 -13.36 22.08
CA GLY B 140 -15.68 -14.17 20.99
C GLY B 140 -14.75 -14.33 19.81
N HIS B 141 -13.55 -13.77 19.87
CA HIS B 141 -12.60 -13.83 18.76
C HIS B 141 -11.28 -14.48 19.19
N GLY B 142 -11.30 -15.24 20.28
CA GLY B 142 -10.12 -15.92 20.73
C GLY B 142 -9.32 -15.13 21.76
N ALA B 143 -8.36 -15.83 22.34
CA ALA B 143 -7.41 -15.24 23.29
C ALA B 143 -6.06 -15.89 23.06
N GLY B 144 -5.41 -16.34 24.14
CA GLY B 144 -4.18 -17.10 23.99
C GLY B 144 -2.89 -16.32 24.07
N LEU B 145 -2.93 -14.98 24.10
CA LEU B 145 -1.73 -14.19 24.35
C LEU B 145 -1.40 -14.26 25.83
N ARG B 146 -0.21 -14.75 26.16
CA ARG B 146 0.18 -14.80 27.57
C ARG B 146 0.48 -13.38 28.05
N PRO B 147 -0.11 -12.94 29.18
CA PRO B 147 0.17 -11.57 29.62
C PRO B 147 1.63 -11.33 29.90
N GLU B 148 2.38 -12.35 30.32
CA GLU B 148 3.80 -12.21 30.56
C GLU B 148 4.60 -12.03 29.29
N GLN B 149 3.96 -12.13 28.12
CA GLN B 149 4.58 -11.86 26.82
C GLN B 149 4.02 -10.59 26.18
N ALA B 150 3.27 -9.80 26.94
CA ALA B 150 2.79 -8.50 26.51
C ALA B 150 3.49 -7.42 27.30
N VAL B 151 3.90 -6.37 26.60
CA VAL B 151 4.59 -5.24 27.22
C VAL B 151 3.88 -3.96 26.80
N LEU B 152 3.35 -3.23 27.76
CA LEU B 152 2.74 -1.92 27.51
C LEU B 152 3.86 -0.89 27.45
N VAL B 153 3.96 -0.15 26.37
CA VAL B 153 5.03 0.82 26.14
C VAL B 153 4.41 2.18 25.97
N GLY B 154 4.78 3.12 26.85
CA GLY B 154 4.30 4.48 26.79
C GLY B 154 3.05 4.76 27.60
N SER B 155 2.49 3.75 28.26
CA SER B 155 1.22 3.91 28.92
C SER B 155 1.34 4.82 30.12
N ARG B 156 0.37 5.71 30.29
CA ARG B 156 0.46 6.73 31.33
C ARG B 156 -0.88 7.20 31.86
N ASP B 157 -1.97 6.82 31.21
CA ASP B 157 -3.33 7.13 31.67
C ASP B 157 -4.05 5.79 31.85
N ILE B 158 -3.95 5.23 33.05
CA ILE B 158 -4.44 3.90 33.38
C ILE B 158 -5.45 4.04 34.50
N ASP B 159 -6.61 3.40 34.33
CA ASP B 159 -7.67 3.48 35.33
C ASP B 159 -7.29 2.66 36.58
N GLU B 160 -7.98 2.94 37.68
CA GLU B 160 -7.59 2.33 38.96
C GLU B 160 -7.79 0.82 38.94
N GLY B 161 -8.98 0.35 38.57
CA GLY B 161 -9.19 -1.09 38.50
C GLY B 161 -8.32 -1.75 37.44
N GLU B 162 -8.12 -1.05 36.33
CA GLU B 162 -7.27 -1.53 35.24
C GLU B 162 -5.83 -1.73 35.70
N ARG B 163 -5.31 -0.81 36.50
CA ARG B 163 -3.94 -0.94 36.99
CA ARG B 163 -3.94 -0.94 36.99
C ARG B 163 -3.76 -2.21 37.81
N GLU B 164 -4.75 -2.54 38.63
CA GLU B 164 -4.68 -3.76 39.42
C GLU B 164 -4.74 -5.00 38.53
N LEU B 165 -5.56 -4.97 37.47
CA LEU B 165 -5.61 -6.10 36.54
C LEU B 165 -4.28 -6.30 35.84
N ILE B 166 -3.67 -5.21 35.39
CA ILE B 166 -2.35 -5.26 34.77
C ILE B 166 -1.33 -5.87 35.72
N ARG B 167 -1.30 -5.39 36.97
CA ARG B 167 -0.38 -5.89 37.97
C ARG B 167 -0.59 -7.40 38.19
N LYS B 168 -1.84 -7.78 38.44
CA LYS B 168 -2.13 -9.18 38.76
C LYS B 168 -1.81 -10.10 37.60
N ALA B 169 -1.98 -9.64 36.36
CA ALA B 169 -1.74 -10.49 35.20
C ALA B 169 -0.27 -10.61 34.84
N GLY B 170 0.58 -9.69 35.31
CA GLY B 170 1.98 -9.75 34.98
C GLY B 170 2.35 -9.06 33.68
N VAL B 171 1.56 -8.09 33.22
CA VAL B 171 1.90 -7.30 32.06
C VAL B 171 2.86 -6.20 32.48
N ARG B 172 4.07 -6.18 31.88
CA ARG B 172 5.04 -5.14 32.17
C ARG B 172 4.61 -3.81 31.56
N VAL B 173 4.90 -2.71 32.26
CA VAL B 173 4.60 -1.36 31.79
C VAL B 173 5.90 -0.56 31.76
N ILE B 174 6.22 0.01 30.61
CA ILE B 174 7.39 0.87 30.44
C ILE B 174 6.86 2.28 30.15
N PRO B 175 6.81 3.17 31.13
CA PRO B 175 6.24 4.51 30.89
C PRO B 175 7.14 5.33 29.98
N PRO B 176 6.63 6.47 29.47
CA PRO B 176 7.42 7.24 28.47
C PRO B 176 8.84 7.60 28.90
N GLY B 177 9.05 7.99 30.16
CA GLY B 177 10.40 8.38 30.57
C GLY B 177 11.39 7.24 30.57
N GLU B 178 10.91 6.00 30.56
CA GLU B 178 11.77 4.83 30.51
C GLU B 178 11.73 4.15 29.14
N ALA B 179 10.90 4.62 28.20
CA ALA B 179 10.63 3.91 26.95
C ALA B 179 11.66 4.31 25.91
N THR B 180 12.86 3.76 26.06
CA THR B 180 13.93 3.91 25.11
C THR B 180 14.09 2.62 24.30
N ALA B 181 14.82 2.73 23.19
CA ALA B 181 15.10 1.55 22.38
C ALA B 181 15.74 0.45 23.21
N GLN B 182 16.71 0.78 24.05
CA GLN B 182 17.39 -0.26 24.79
C GLN B 182 16.47 -0.90 25.82
N ALA B 183 15.60 -0.12 26.48
CA ALA B 183 14.66 -0.69 27.43
C ALA B 183 13.74 -1.68 26.73
N VAL B 184 13.29 -1.34 25.52
CA VAL B 184 12.44 -2.26 24.75
C VAL B 184 13.21 -3.52 24.35
N LEU B 185 14.45 -3.38 23.86
CA LEU B 185 15.24 -4.57 23.55
C LEU B 185 15.43 -5.45 24.76
N ASP B 186 15.69 -4.86 25.92
CA ASP B 186 15.83 -5.68 27.11
C ASP B 186 14.56 -6.48 27.38
N ALA B 187 13.39 -5.87 27.14
CA ALA B 187 12.13 -6.54 27.44
C ALA B 187 11.85 -7.71 26.49
N VAL B 188 12.22 -7.57 25.21
CA VAL B 188 11.88 -8.60 24.23
C VAL B 188 12.87 -9.76 24.24
N LYS B 189 14.09 -9.54 24.75
CA LYS B 189 15.13 -10.58 24.80
C LYS B 189 15.34 -11.10 23.37
N ASP B 190 15.33 -12.41 23.15
CA ASP B 190 15.59 -12.97 21.83
CA ASP B 190 15.59 -12.97 21.83
C ASP B 190 14.32 -13.37 21.09
N ALA B 191 13.14 -12.92 21.57
CA ALA B 191 11.88 -13.40 21.02
C ALA B 191 11.53 -12.71 19.71
N PRO B 192 10.72 -13.36 18.87
CA PRO B 192 10.08 -12.62 17.77
C PRO B 192 9.15 -11.57 18.35
N VAL B 193 8.86 -10.54 17.55
CA VAL B 193 8.19 -9.35 18.04
C VAL B 193 7.03 -8.95 17.13
N TRP B 194 5.91 -8.60 17.75
CA TRP B 194 4.78 -7.98 17.07
C TRP B 194 4.57 -6.62 17.67
N ILE B 195 4.47 -5.58 16.85
CA ILE B 195 4.30 -4.21 17.30
C ILE B 195 2.87 -3.76 17.01
N HIS B 196 2.18 -3.31 18.04
CA HIS B 196 0.86 -2.67 17.95
C HIS B 196 0.99 -1.25 18.44
N ILE B 197 0.69 -0.25 17.60
CA ILE B 197 0.82 1.15 18.03
C ILE B 197 -0.49 1.92 17.86
N ASP B 198 -0.93 2.56 18.95
CA ASP B 198 -2.01 3.55 19.01
C ASP B 198 -1.34 4.91 19.06
N TRP B 199 -1.60 5.76 18.06
CA TRP B 199 -0.89 7.05 18.00
C TRP B 199 -1.15 7.97 19.19
N ASP B 200 -2.14 7.69 20.04
CA ASP B 200 -2.28 8.49 21.27
C ASP B 200 -1.11 8.27 22.25
N VAL B 201 -0.19 7.35 21.95
CA VAL B 201 1.01 7.22 22.78
C VAL B 201 1.90 8.45 22.66
N LEU B 202 1.83 9.19 21.56
CA LEU B 202 2.76 10.29 21.35
C LEU B 202 2.41 11.50 22.22
N GLU B 203 3.45 12.24 22.56
CA GLU B 203 3.29 13.59 23.07
C GLU B 203 2.38 14.35 22.12
N PRO B 204 1.34 15.02 22.61
CA PRO B 204 0.42 15.72 21.70
C PRO B 204 1.13 16.73 20.80
N GLY B 205 0.61 16.85 19.58
CA GLY B 205 1.04 17.87 18.64
C GLY B 205 1.64 17.35 17.35
N SER B 206 1.75 16.04 17.17
CA SER B 206 2.28 15.46 15.94
C SER B 206 1.22 14.70 15.14
N ILE B 207 0.35 13.93 15.80
CA ILE B 207 -0.62 13.08 15.14
C ILE B 207 -1.93 13.28 15.88
N PRO B 208 -3.01 13.69 15.22
CA PRO B 208 -4.31 13.74 15.90
C PRO B 208 -4.82 12.33 16.13
N ALA B 209 -4.98 11.94 17.37
CA ALA B 209 -5.47 10.62 17.71
C ALA B 209 -6.86 10.75 18.34
N ASP B 210 -7.36 9.64 18.86
CA ASP B 210 -8.68 9.67 19.48
C ASP B 210 -8.66 10.28 20.89
N TYR B 211 -7.52 10.30 21.54
CA TYR B 211 -7.34 10.96 22.85
C TYR B 211 -6.06 11.81 22.75
N THR B 212 -6.03 12.85 23.57
CA THR B 212 -4.84 13.66 23.79
C THR B 212 -4.41 13.39 25.22
N VAL B 213 -3.24 12.78 25.39
CA VAL B 213 -2.74 12.37 26.71
C VAL B 213 -1.40 13.06 26.94
N PRO B 214 -1.29 13.98 27.91
CA PRO B 214 -0.02 14.72 28.08
C PRO B 214 1.14 13.81 28.45
N ASP B 215 2.36 14.34 28.22
CA ASP B 215 3.62 13.73 28.66
C ASP B 215 3.88 12.36 28.03
N GLY B 216 3.87 12.35 26.69
CA GLY B 216 3.96 11.11 25.94
C GLY B 216 5.33 10.85 25.35
N MET B 217 5.39 9.83 24.50
CA MET B 217 6.61 9.49 23.80
C MET B 217 6.82 10.45 22.63
N LEU B 218 8.07 10.73 22.34
CA LEU B 218 8.40 11.60 21.22
C LEU B 218 8.68 10.79 19.97
N PRO B 219 8.49 11.38 18.79
CA PRO B 219 8.78 10.66 17.55
C PRO B 219 10.17 10.02 17.52
N ALA B 220 11.19 10.69 18.04
CA ALA B 220 12.53 10.13 18.02
C ALA B 220 12.59 8.78 18.71
N GLN B 221 11.88 8.62 19.84
CA GLN B 221 11.95 7.34 20.54
C GLN B 221 11.15 6.26 19.84
N ILE B 222 10.01 6.62 19.24
CA ILE B 222 9.25 5.62 18.48
C ILE B 222 10.07 5.13 17.30
N ARG B 223 10.66 6.06 16.55
CA ARG B 223 11.49 5.64 15.42
C ARG B 223 12.64 4.76 15.88
N ALA B 224 13.25 5.09 17.04
CA ALA B 224 14.36 4.29 17.55
C ALA B 224 13.93 2.87 17.88
N VAL B 225 12.69 2.68 18.32
CA VAL B 225 12.19 1.31 18.53
C VAL B 225 12.11 0.55 17.23
N PHE B 226 11.54 1.15 16.18
CA PHE B 226 11.48 0.47 14.89
C PHE B 226 12.87 0.20 14.33
N GLU B 227 13.84 1.07 14.63
CA GLU B 227 15.21 0.84 14.19
C GLU B 227 15.87 -0.31 14.96
N ALA B 228 15.48 -0.50 16.22
CA ALA B 228 16.19 -1.43 17.10
C ALA B 228 15.74 -2.88 16.97
N ILE B 229 14.48 -3.13 16.63
CA ILE B 229 14.00 -4.51 16.53
C ILE B 229 14.68 -5.17 15.34
N PRO B 230 15.38 -6.29 15.50
CA PRO B 230 16.03 -6.91 14.33
C PRO B 230 15.01 -7.34 13.27
N ALA B 231 15.35 -7.07 12.00
CA ALA B 231 14.41 -7.34 10.91
C ALA B 231 13.96 -8.80 10.91
N GLU B 232 14.86 -9.72 11.20
CA GLU B 232 14.55 -11.14 11.17
C GLU B 232 13.62 -11.56 12.30
N ARG B 233 13.42 -10.71 13.30
CA ARG B 233 12.54 -11.01 14.42
C ARG B 233 11.19 -10.31 14.35
N LEU B 234 11.02 -9.33 13.46
CA LEU B 234 9.78 -8.57 13.41
C LEU B 234 8.73 -9.33 12.60
N ILE B 235 7.66 -9.76 13.26
CA ILE B 235 6.60 -10.53 12.61
C ILE B 235 5.67 -9.61 11.85
N GLY B 236 5.30 -8.50 12.44
CA GLY B 236 4.33 -7.60 11.84
C GLY B 236 4.12 -6.40 12.71
N VAL B 237 3.34 -5.46 12.16
CA VAL B 237 3.13 -4.14 12.74
C VAL B 237 1.67 -3.76 12.48
N GLU B 238 1.00 -3.27 13.52
CA GLU B 238 -0.33 -2.70 13.43
C GLU B 238 -0.24 -1.21 13.75
N LEU B 239 -0.77 -0.37 12.86
CA LEU B 239 -0.80 1.08 12.99
C LEU B 239 -2.25 1.48 13.19
N ALA B 240 -2.59 2.11 14.31
CA ALA B 240 -3.99 2.39 14.62
C ALA B 240 -4.19 3.79 15.18
N GLU B 241 -5.36 4.35 14.85
CA GLU B 241 -5.98 5.48 15.55
C GLU B 241 -5.46 6.85 15.13
N LEU B 242 -5.16 7.02 13.85
CA LEU B 242 -5.12 8.36 13.28
C LEU B 242 -6.55 8.83 13.12
N ASN B 243 -6.95 9.89 13.81
CA ASN B 243 -8.29 10.44 13.72
C ASN B 243 -8.24 11.76 12.94
N ALA B 244 -8.35 11.69 11.62
CA ALA B 244 -8.29 12.91 10.81
C ALA B 244 -8.95 12.68 9.47
N PRO B 245 -9.69 13.64 8.94
CA PRO B 245 -10.26 13.45 7.60
C PRO B 245 -9.15 13.22 6.58
N ALA B 246 -9.42 12.36 5.60
CA ALA B 246 -8.39 11.94 4.65
C ALA B 246 -7.84 13.09 3.84
N ASP B 247 -8.64 14.12 3.58
CA ASP B 247 -8.20 15.26 2.76
C ASP B 247 -7.69 16.45 3.58
N SER B 248 -7.57 16.30 4.89
CA SER B 248 -7.23 17.44 5.73
C SER B 248 -5.72 17.69 5.79
N GLU B 249 -5.37 18.94 6.12
CA GLU B 249 -3.97 19.29 6.34
C GLU B 249 -3.40 18.52 7.51
N ARG B 250 -4.17 18.35 8.58
CA ARG B 250 -3.62 17.66 9.75
C ARG B 250 -3.35 16.19 9.43
N ALA B 251 -4.14 15.55 8.55
CA ALA B 251 -3.82 14.19 8.14
C ALA B 251 -2.53 14.14 7.33
N GLU B 252 -2.35 15.10 6.43
CA GLU B 252 -1.12 15.15 5.64
C GLU B 252 0.11 15.28 6.53
N GLN B 253 0.05 16.16 7.53
CA GLN B 253 1.18 16.33 8.42
C GLN B 253 1.41 15.09 9.25
N ALA B 254 0.32 14.45 9.68
CA ALA B 254 0.44 13.25 10.51
C ALA B 254 1.09 12.10 9.75
N VAL B 255 0.67 11.87 8.49
CA VAL B 255 1.24 10.71 7.80
C VAL B 255 2.72 10.91 7.52
N ALA B 256 3.18 12.16 7.39
CA ALA B 256 4.61 12.39 7.27
C ALA B 256 5.36 11.88 8.49
N VAL B 257 4.79 12.10 9.67
CA VAL B 257 5.41 11.61 10.89
C VAL B 257 5.33 10.09 10.96
N ILE B 258 4.15 9.53 10.64
CA ILE B 258 3.97 8.07 10.67
C ILE B 258 5.00 7.39 9.78
N LEU B 259 5.14 7.87 8.54
CA LEU B 259 6.05 7.20 7.62
C LEU B 259 7.49 7.27 8.12
N ASP B 260 7.87 8.39 8.73
CA ASP B 260 9.19 8.53 9.31
C ASP B 260 9.41 7.51 10.44
N MET B 261 8.40 7.30 11.28
CA MET B 261 8.55 6.40 12.42
CA MET B 261 8.57 6.42 12.42
C MET B 261 8.77 4.97 11.98
N VAL B 262 8.02 4.53 10.98
CA VAL B 262 8.07 3.13 10.55
C VAL B 262 9.18 2.85 9.53
N ALA B 263 9.76 3.89 8.94
CA ALA B 263 10.68 3.71 7.82
C ALA B 263 11.81 2.73 8.12
N PRO B 264 12.44 2.73 9.31
CA PRO B 264 13.55 1.77 9.50
C PRO B 264 13.13 0.35 9.23
N ALA B 265 11.94 -0.04 9.70
CA ALA B 265 11.48 -1.40 9.49
C ALA B 265 10.91 -1.62 8.10
N PHE B 266 10.13 -0.66 7.58
CA PHE B 266 9.47 -0.90 6.30
C PHE B 266 10.44 -0.77 5.14
N ASP B 267 11.41 0.16 5.21
CA ASP B 267 12.44 0.23 4.19
C ASP B 267 13.20 -1.09 4.11
N ALA B 268 13.52 -1.69 5.26
CA ALA B 268 14.22 -2.97 5.25
C ALA B 268 13.38 -4.05 4.57
N ALA B 269 12.09 -4.11 4.92
CA ALA B 269 11.22 -5.15 4.34
C ALA B 269 11.04 -4.92 2.84
N ALA B 270 10.93 -3.67 2.42
CA ALA B 270 10.72 -3.37 1.01
C ALA B 270 11.96 -3.64 0.16
N ALA B 271 13.13 -3.79 0.78
CA ALA B 271 14.38 -4.00 0.06
C ALA B 271 14.84 -5.44 0.04
N ARG B 272 14.22 -6.31 0.81
CA ARG B 272 14.79 -7.64 0.93
C ARG B 272 14.33 -8.55 -0.19
N PRO B 273 15.01 -9.69 -0.39
CA PRO B 273 14.72 -10.54 -1.55
C PRO B 273 13.30 -11.10 -1.50
N LEU B 274 12.77 -11.41 -2.68
CA LEU B 274 11.38 -11.81 -2.83
C LEU B 274 11.09 -13.16 -2.17
MN MN C . -0.39 3.77 -11.33
MN MN D . -1.17 1.66 -8.81
MG MG E . 4.92 0.43 -33.71
MN MN F . -5.47 1.74 22.19
MN MN G . -4.80 4.73 23.69
MG MG H . -6.28 5.55 20.99
MG MG I . -19.10 -6.04 10.98
N ABH J . -9.13 3.48 29.87
CA ABH J . -10.12 4.27 29.07
C ABH J . -11.38 3.50 28.83
O ABH J . -12.34 4.07 28.26
OT ABH J . -11.49 2.35 29.33
CB ABH J . -9.49 4.78 27.79
CG ABH J . -9.42 3.74 26.66
CD ABH J . -8.62 4.23 25.44
CE ABH J . -8.74 3.29 24.26
B ABH J . -7.53 3.30 23.24
O2 ABH J . -7.58 2.32 22.11
O1 ABH J . -6.17 3.18 23.81
O3 ABH J . -7.48 4.70 22.58
HN1 ABH J . -9.07 3.85 30.82
HN2 ABH J . -9.42 2.49 29.90
HCA ABH J . -10.40 5.16 29.65
HCB1 ABH J . -8.47 5.13 28.00
HCB2 ABH J . -10.07 5.64 27.43
HCG1 ABH J . -8.97 2.84 27.04
HCG2 ABH J . -10.45 3.51 26.33
HCD1 ABH J . -8.98 5.22 25.15
HCD2 ABH J . -7.57 4.32 25.73
HCE1 ABH J . -9.65 3.54 23.70
HCE2 ABH J . -8.86 2.27 24.63
HO2 ABH J . -8.19 2.47 21.38
HO1 ABH J . -5.97 2.44 24.40
HO3 ABH J . -8.29 5.16 22.33
#